data_4LKL
#
_entry.id   4LKL
#
_cell.length_a   37.340
_cell.length_b   50.940
_cell.length_c   57.000
_cell.angle_alpha   90.000
_cell.angle_beta   97.610
_cell.angle_gamma   90.000
#
_symmetry.space_group_name_H-M   'P 1 21 1'
#
loop_
_entity.id
_entity.type
_entity.pdbx_description
1 polymer 'Serine/threonine-protein kinase PLK1'
2 polymer PL-55
3 non-polymer ADAMANTANE
4 water water
#
loop_
_entity_poly.entity_id
_entity_poly.type
_entity_poly.pdbx_seq_one_letter_code
_entity_poly.pdbx_strand_id
1 'polypeptide(L)'
;CHLSDMLQQLHSVNASKPSERGLVRQEEAEDPACIPIFWVSKWVDYSDKYGLGYQLCDNSVGVLFNDSTRLILYNDGDSL
QYIERDGTESYLTVSSHPNSLMKKITLLKYFRNYMSEHLLKAGANITPREGDELARLPYLRTWFRTRSAIILHLSNGSVQ
INFFQDHTKLILCPLMAAVTYIDEKRDFRTYRLSLLEEYGCCKELASRLRYARTMVDKLLSS
;
A
2 'polypeptide(L)' (ACE)PLHS(TPO)M(NH2) B
#
# COMPACT_ATOMS: atom_id res chain seq x y z
N CYS A 1 3.61 -8.21 -12.17
CA CYS A 1 3.97 -8.23 -10.72
C CYS A 1 2.81 -8.71 -9.87
N HIS A 2 2.28 -9.88 -10.23
CA HIS A 2 1.16 -10.50 -9.53
C HIS A 2 -0.17 -9.79 -9.73
N LEU A 3 -0.18 -8.74 -10.54
CA LEU A 3 -1.41 -7.99 -10.80
C LEU A 3 -2.49 -8.84 -11.47
N SER A 4 -2.09 -9.67 -12.43
CA SER A 4 -3.05 -10.52 -13.13
C SER A 4 -3.71 -11.49 -12.15
N ASP A 5 -2.93 -12.02 -11.21
CA ASP A 5 -3.47 -12.94 -10.23
C ASP A 5 -4.46 -12.20 -9.33
N MET A 6 -4.10 -10.99 -8.92
CA MET A 6 -4.96 -10.20 -8.05
C MET A 6 -6.28 -9.86 -8.75
N LEU A 7 -6.20 -9.55 -10.03
CA LEU A 7 -7.38 -9.20 -10.81
C LEU A 7 -8.34 -10.39 -10.85
N GLN A 8 -7.79 -11.59 -11.07
CA GLN A 8 -8.61 -12.78 -11.13
C GLN A 8 -9.24 -13.07 -9.78
N GLN A 9 -8.48 -12.84 -8.71
CA GLN A 9 -8.98 -13.07 -7.36
C GLN A 9 -10.15 -12.14 -7.07
N LEU A 10 -10.01 -10.87 -7.42
CA LEU A 10 -11.06 -9.88 -7.20
C LEU A 10 -12.28 -10.17 -8.06
N HIS A 11 -12.05 -10.52 -9.32
CA HIS A 11 -13.13 -10.82 -10.25
C HIS A 11 -13.99 -11.95 -9.69
N SER A 12 -13.35 -13.00 -9.21
CA SER A 12 -14.06 -14.15 -8.64
C SER A 12 -14.94 -13.72 -7.48
N VAL A 13 -14.38 -12.96 -6.54
CA VAL A 13 -15.15 -12.51 -5.39
C VAL A 13 -16.29 -11.59 -5.79
N ASN A 14 -15.99 -10.60 -6.62
CA ASN A 14 -17.01 -9.64 -7.04
C ASN A 14 -18.15 -10.30 -7.82
N ALA A 15 -17.81 -11.25 -8.70
CA ALA A 15 -18.82 -11.94 -9.50
C ALA A 15 -19.76 -12.77 -8.65
N SER A 16 -19.30 -13.16 -7.45
CA SER A 16 -20.11 -13.97 -6.55
C SER A 16 -21.12 -13.12 -5.77
N LYS A 17 -21.09 -11.81 -6.00
CA LYS A 17 -21.99 -10.87 -5.32
C LYS A 17 -22.00 -11.13 -3.81
N PRO A 18 -20.88 -10.87 -3.14
CA PRO A 18 -20.71 -11.07 -1.70
C PRO A 18 -21.70 -10.39 -0.75
N SER A 19 -22.25 -9.24 -1.14
CA SER A 19 -23.20 -8.56 -0.26
C SER A 19 -24.63 -9.00 -0.50
N GLU A 20 -24.84 -9.86 -1.50
CA GLU A 20 -26.18 -10.36 -1.81
C GLU A 20 -26.35 -11.80 -1.35
N ARG A 21 -26.30 -12.02 -0.04
CA ARG A 21 -26.44 -13.36 0.53
C ARG A 21 -27.60 -13.45 1.50
N GLY A 22 -28.17 -14.64 1.62
CA GLY A 22 -29.27 -14.83 2.55
C GLY A 22 -28.77 -14.47 3.94
N LEU A 23 -27.52 -14.79 4.20
CA LEU A 23 -26.90 -14.47 5.48
C LEU A 23 -25.41 -14.19 5.29
N VAL A 24 -25.03 -12.93 5.44
CA VAL A 24 -23.63 -12.54 5.30
C VAL A 24 -22.89 -12.96 6.56
N ARG A 25 -21.79 -13.68 6.39
CA ARG A 25 -20.99 -14.15 7.51
C ARG A 25 -19.53 -13.74 7.30
N GLN A 26 -19.35 -12.43 7.15
CA GLN A 26 -18.04 -11.83 6.92
C GLN A 26 -16.95 -12.31 7.89
N GLU A 27 -17.29 -12.43 9.17
CA GLU A 27 -16.33 -12.85 10.17
C GLU A 27 -15.68 -14.20 9.90
N GLU A 28 -16.41 -15.09 9.22
CA GLU A 28 -15.89 -16.42 8.91
C GLU A 28 -14.81 -16.39 7.84
N ALA A 29 -14.65 -15.25 7.18
CA ALA A 29 -13.65 -15.09 6.14
C ALA A 29 -12.32 -14.56 6.69
N GLU A 30 -12.28 -14.23 7.97
CA GLU A 30 -11.07 -13.71 8.58
C GLU A 30 -10.00 -14.80 8.66
N ASP A 31 -8.75 -14.43 8.46
CA ASP A 31 -7.65 -15.39 8.56
C ASP A 31 -6.43 -14.68 9.10
N PRO A 32 -6.23 -14.75 10.43
CA PRO A 32 -5.10 -14.13 11.11
C PRO A 32 -3.72 -14.50 10.56
N ALA A 33 -3.60 -15.67 9.94
CA ALA A 33 -2.32 -16.11 9.41
C ALA A 33 -1.91 -15.36 8.14
N CYS A 34 -2.85 -14.62 7.57
CA CYS A 34 -2.60 -13.87 6.33
C CYS A 34 -2.29 -12.40 6.57
N ILE A 35 -2.15 -11.99 7.83
CA ILE A 35 -1.85 -10.59 8.11
C ILE A 35 -0.60 -10.17 7.35
N PRO A 36 -0.67 -9.03 6.64
CA PRO A 36 0.47 -8.53 5.88
C PRO A 36 1.67 -8.14 6.74
N ILE A 37 2.86 -8.22 6.16
CA ILE A 37 4.07 -7.85 6.85
C ILE A 37 4.31 -6.37 6.64
N PHE A 38 4.03 -5.91 5.42
CA PHE A 38 4.24 -4.51 5.06
C PHE A 38 3.01 -3.83 4.48
N TRP A 39 2.86 -2.56 4.83
CA TRP A 39 1.80 -1.72 4.29
C TRP A 39 2.28 -0.29 4.49
N VAL A 40 1.69 0.64 3.75
CA VAL A 40 2.05 2.04 3.86
C VAL A 40 1.32 2.66 5.03
N SER A 41 2.06 3.17 6.00
CA SER A 41 1.47 3.77 7.19
C SER A 41 1.31 5.28 7.11
N LYS A 42 2.09 5.93 6.26
CA LYS A 42 2.02 7.38 6.08
C LYS A 42 2.51 7.74 4.68
N TRP A 43 2.07 8.88 4.17
CA TRP A 43 2.54 9.31 2.85
C TRP A 43 2.38 10.80 2.68
N VAL A 44 3.21 11.37 1.80
CA VAL A 44 3.16 12.79 1.52
C VAL A 44 3.34 12.98 0.02
N ASP A 45 2.35 13.60 -0.62
CA ASP A 45 2.40 13.84 -2.05
C ASP A 45 3.07 15.18 -2.35
N TYR A 46 4.37 15.12 -2.67
CA TYR A 46 5.11 16.32 -3.03
C TYR A 46 5.55 16.12 -4.47
N SER A 47 4.67 15.51 -5.27
CA SER A 47 4.97 15.21 -6.67
C SER A 47 5.00 16.44 -7.57
N ASP A 48 4.57 17.58 -7.05
CA ASP A 48 4.58 18.81 -7.84
C ASP A 48 6.02 19.26 -8.06
N LYS A 49 6.94 18.69 -7.28
CA LYS A 49 8.34 19.08 -7.39
C LYS A 49 9.34 17.95 -7.22
N TYR A 50 9.04 16.98 -6.36
CA TYR A 50 9.99 15.90 -6.11
C TYR A 50 9.46 14.48 -6.28
N GLY A 51 8.33 14.17 -5.65
CA GLY A 51 7.78 12.83 -5.78
C GLY A 51 6.88 12.47 -4.62
N LEU A 52 6.64 11.17 -4.45
CA LEU A 52 5.78 10.69 -3.38
C LEU A 52 6.61 10.06 -2.26
N GLY A 53 6.51 10.65 -1.07
CA GLY A 53 7.24 10.12 0.08
C GLY A 53 6.30 9.26 0.89
N TYR A 54 6.82 8.21 1.51
CA TYR A 54 5.96 7.33 2.30
C TYR A 54 6.74 6.60 3.38
N GLN A 55 6.01 6.09 4.35
CA GLN A 55 6.60 5.34 5.45
C GLN A 55 5.92 3.97 5.47
N LEU A 56 6.68 2.92 5.71
CA LEU A 56 6.08 1.60 5.81
C LEU A 56 5.84 1.35 7.29
N CYS A 57 5.00 0.38 7.60
CA CYS A 57 4.65 0.06 8.97
C CYS A 57 5.81 -0.32 9.87
N ASP A 58 6.96 -0.65 9.30
CA ASP A 58 8.12 -1.04 10.11
C ASP A 58 9.01 0.17 10.41
N ASN A 59 8.50 1.35 10.08
CA ASN A 59 9.20 2.62 10.28
C ASN A 59 10.23 2.97 9.20
N SER A 60 10.40 2.09 8.22
CA SER A 60 11.33 2.41 7.14
C SER A 60 10.59 3.45 6.30
N VAL A 61 11.33 4.23 5.53
CA VAL A 61 10.73 5.25 4.68
C VAL A 61 11.23 5.10 3.26
N GLY A 62 10.49 5.69 2.33
CA GLY A 62 10.89 5.61 0.94
C GLY A 62 10.32 6.75 0.12
N VAL A 63 10.84 6.91 -1.09
CA VAL A 63 10.37 7.95 -1.98
C VAL A 63 10.40 7.47 -3.42
N LEU A 64 9.31 7.67 -4.14
CA LEU A 64 9.27 7.33 -5.55
C LEU A 64 9.34 8.71 -6.20
N PHE A 65 10.52 9.04 -6.70
CA PHE A 65 10.76 10.34 -7.32
C PHE A 65 10.06 10.47 -8.67
N ASN A 66 9.86 11.70 -9.12
CA ASN A 66 9.19 11.94 -10.38
C ASN A 66 9.92 11.32 -11.58
N ASP A 67 11.23 11.10 -11.44
CA ASP A 67 12.01 10.52 -12.53
C ASP A 67 11.94 8.99 -12.51
N SER A 68 10.98 8.46 -11.77
CA SER A 68 10.74 7.03 -11.66
C SER A 68 11.80 6.21 -10.92
N THR A 69 12.65 6.88 -10.14
CA THR A 69 13.66 6.17 -9.36
C THR A 69 13.14 6.12 -7.93
N ARG A 70 13.68 5.21 -7.12
CA ARG A 70 13.25 5.07 -5.74
C ARG A 70 14.42 5.02 -4.78
N LEU A 71 14.23 5.59 -3.60
CA LEU A 71 15.26 5.56 -2.57
C LEU A 71 14.57 5.11 -1.29
N ILE A 72 15.09 4.05 -0.69
CA ILE A 72 14.50 3.51 0.54
C ILE A 72 15.48 3.56 1.70
N LEU A 73 15.00 3.99 2.86
CA LEU A 73 15.81 4.07 4.06
C LEU A 73 15.27 3.05 5.07
N TYR A 74 16.09 2.07 5.42
CA TYR A 74 15.69 1.03 6.37
C TYR A 74 15.43 1.62 7.75
N ASN A 75 14.71 0.88 8.59
CA ASN A 75 14.40 1.39 9.92
C ASN A 75 15.59 1.48 10.87
N ASP A 76 16.78 1.12 10.39
CA ASP A 76 17.96 1.25 11.25
C ASP A 76 18.49 2.67 11.10
N GLY A 77 17.81 3.44 10.24
CA GLY A 77 18.17 4.84 10.04
C GLY A 77 19.43 5.17 9.25
N ASP A 78 20.11 4.18 8.69
CA ASP A 78 21.31 4.45 7.93
C ASP A 78 21.42 3.65 6.63
N SER A 79 20.92 2.42 6.66
CA SER A 79 20.97 1.57 5.47
C SER A 79 20.05 2.12 4.39
N LEU A 80 20.57 2.18 3.16
CA LEU A 80 19.80 2.70 2.03
C LEU A 80 19.81 1.79 0.83
N GLN A 81 18.76 1.88 0.03
CA GLN A 81 18.64 1.11 -1.20
C GLN A 81 18.15 2.05 -2.28
N TYR A 82 18.86 2.06 -3.40
CA TYR A 82 18.48 2.91 -4.52
C TYR A 82 18.03 2.01 -5.67
N ILE A 83 16.90 2.34 -6.25
CA ILE A 83 16.36 1.58 -7.37
C ILE A 83 16.20 2.50 -8.56
N GLU A 84 16.92 2.20 -9.64
CA GLU A 84 16.86 3.00 -10.85
C GLU A 84 15.54 2.73 -11.57
N ARG A 85 15.24 3.53 -12.59
CA ARG A 85 14.00 3.35 -13.34
C ARG A 85 13.93 1.95 -13.92
N ASP A 86 15.07 1.44 -14.37
CA ASP A 86 15.17 0.12 -14.96
C ASP A 86 15.04 -0.99 -13.93
N GLY A 87 15.03 -0.61 -12.64
CA GLY A 87 14.89 -1.59 -11.59
C GLY A 87 16.22 -2.02 -10.98
N THR A 88 17.33 -1.56 -11.56
CA THR A 88 18.65 -1.91 -11.04
C THR A 88 18.74 -1.44 -9.59
N GLU A 89 19.09 -2.37 -8.71
CA GLU A 89 19.17 -2.06 -7.29
C GLU A 89 20.61 -1.90 -6.81
N SER A 90 20.82 -0.86 -6.01
CA SER A 90 22.14 -0.57 -5.46
C SER A 90 21.98 -0.37 -3.96
N TYR A 91 23.01 -0.74 -3.20
CA TYR A 91 22.96 -0.59 -1.75
C TYR A 91 24.09 0.28 -1.22
N LEU A 92 23.76 1.09 -0.22
CA LEU A 92 24.72 1.98 0.41
C LEU A 92 24.17 2.46 1.74
N THR A 93 24.72 3.54 2.28
CA THR A 93 24.25 4.08 3.56
C THR A 93 24.26 5.61 3.54
N VAL A 94 23.64 6.21 4.55
CA VAL A 94 23.59 7.66 4.63
C VAL A 94 25.00 8.21 4.87
N SER A 95 25.84 7.41 5.53
CA SER A 95 27.20 7.82 5.83
C SER A 95 28.18 7.55 4.69
N SER A 96 27.84 6.58 3.84
CA SER A 96 28.71 6.22 2.71
C SER A 96 27.89 6.04 1.44
N HIS A 97 27.81 7.10 0.63
CA HIS A 97 27.05 7.07 -0.60
C HIS A 97 27.72 7.87 -1.69
N PRO A 98 27.38 7.62 -2.97
CA PRO A 98 28.02 8.40 -4.03
C PRO A 98 27.46 9.83 -3.98
N ASN A 99 28.29 10.80 -4.34
CA ASN A 99 27.86 12.20 -4.32
C ASN A 99 26.67 12.45 -5.23
N SER A 100 26.51 11.62 -6.26
CA SER A 100 25.40 11.79 -7.19
C SER A 100 24.04 11.64 -6.52
N LEU A 101 24.01 10.95 -5.38
CA LEU A 101 22.74 10.74 -4.67
C LEU A 101 22.50 11.68 -3.50
N MET A 102 23.41 12.63 -3.29
CA MET A 102 23.29 13.58 -2.19
C MET A 102 21.93 14.28 -2.14
N LYS A 103 21.49 14.81 -3.26
CA LYS A 103 20.21 15.52 -3.31
C LYS A 103 19.04 14.63 -2.93
N LYS A 104 18.93 13.47 -3.57
CA LYS A 104 17.83 12.56 -3.29
C LYS A 104 17.86 12.07 -1.85
N ILE A 105 19.04 11.93 -1.28
CA ILE A 105 19.16 11.48 0.11
C ILE A 105 18.68 12.58 1.03
N THR A 106 19.06 13.83 0.74
CA THR A 106 18.64 14.96 1.56
C THR A 106 17.12 15.07 1.51
N LEU A 107 16.56 14.92 0.31
CA LEU A 107 15.12 14.97 0.13
C LEU A 107 14.44 13.89 0.96
N LEU A 108 15.01 12.69 0.96
CA LEU A 108 14.43 11.60 1.75
C LEU A 108 14.46 11.95 3.23
N LYS A 109 15.56 12.55 3.68
CA LYS A 109 15.70 12.93 5.08
C LYS A 109 14.59 13.90 5.47
N TYR A 110 14.31 14.86 4.58
CA TYR A 110 13.26 15.84 4.81
C TYR A 110 11.92 15.12 4.96
N PHE A 111 11.65 14.19 4.05
CA PHE A 111 10.41 13.41 4.08
C PHE A 111 10.32 12.61 5.38
N ARG A 112 11.41 11.95 5.75
CA ARG A 112 11.43 11.15 6.96
C ARG A 112 11.12 12.00 8.18
N ASN A 113 11.89 13.06 8.36
CA ASN A 113 11.69 13.97 9.49
C ASN A 113 10.23 14.43 9.60
N TYR A 114 9.65 14.80 8.48
CA TYR A 114 8.25 15.26 8.46
C TYR A 114 7.28 14.18 8.89
N MET A 115 7.28 13.05 8.18
CA MET A 115 6.36 11.97 8.51
C MET A 115 6.56 11.43 9.91
N SER A 116 7.80 11.49 10.39
CA SER A 116 8.11 11.02 11.73
C SER A 116 7.49 11.89 12.82
N GLU A 117 7.41 13.19 12.53
CA GLU A 117 6.88 14.15 13.50
C GLU A 117 5.40 14.47 13.28
N HIS A 118 4.92 14.22 12.06
CA HIS A 118 3.53 14.51 11.72
C HIS A 118 2.79 13.29 11.20
N LEU A 119 1.47 13.44 11.08
CA LEU A 119 0.60 12.39 10.55
C LEU A 119 0.41 11.19 11.47
N LEU A 120 -0.74 10.57 11.36
CA LEU A 120 -1.06 9.38 12.15
C LEU A 120 -0.47 8.18 11.43
N LYS A 121 -0.15 7.13 12.19
CA LYS A 121 0.42 5.93 11.60
C LYS A 121 -0.69 4.91 11.39
N ALA A 122 -0.98 4.58 10.13
CA ALA A 122 -2.02 3.61 9.82
C ALA A 122 -1.61 2.20 10.27
N GLY A 123 -2.56 1.48 10.86
CA GLY A 123 -2.27 0.12 11.33
C GLY A 123 -1.32 0.10 12.51
N ALA A 124 -1.33 1.17 13.30
CA ALA A 124 -0.45 1.28 14.46
C ALA A 124 -0.66 0.19 15.51
N ASN A 125 -1.91 -0.20 15.74
CA ASN A 125 -2.20 -1.22 16.75
C ASN A 125 -2.06 -2.66 16.25
N ILE A 126 -1.47 -2.82 15.07
CA ILE A 126 -1.30 -4.15 14.50
C ILE A 126 0.16 -4.49 14.25
N THR A 127 0.55 -5.69 14.67
CA THR A 127 1.92 -6.17 14.47
C THR A 127 1.93 -7.03 13.22
N PRO A 128 2.68 -6.61 12.19
CA PRO A 128 2.78 -7.33 10.92
C PRO A 128 3.02 -8.83 11.11
N LEU A 137 12.75 -6.05 2.01
CA LEU A 137 12.01 -4.79 2.10
C LEU A 137 11.55 -4.36 0.70
N PRO A 138 10.23 -4.17 0.53
CA PRO A 138 9.72 -3.75 -0.78
C PRO A 138 9.80 -2.24 -0.98
N TYR A 139 9.76 -1.83 -2.24
CA TYR A 139 9.77 -0.41 -2.57
C TYR A 139 8.49 -0.11 -3.33
N LEU A 140 8.21 1.18 -3.51
CA LEU A 140 7.00 1.57 -4.24
C LEU A 140 7.30 1.49 -5.72
N ARG A 141 6.61 0.57 -6.40
CA ARG A 141 6.81 0.40 -7.82
C ARG A 141 6.05 1.43 -8.62
N THR A 142 4.78 1.61 -8.27
CA THR A 142 3.91 2.54 -8.97
C THR A 142 2.89 3.14 -8.02
N TRP A 143 2.41 4.34 -8.34
CA TRP A 143 1.37 4.96 -7.53
C TRP A 143 0.62 5.97 -8.39
N PHE A 144 -0.63 6.20 -8.02
CA PHE A 144 -1.44 7.21 -8.69
C PHE A 144 -2.57 7.53 -7.76
N ARG A 145 -3.22 8.66 -8.01
CA ARG A 145 -4.32 9.07 -7.18
C ARG A 145 -5.51 9.39 -8.04
N THR A 146 -6.69 9.03 -7.55
CA THR A 146 -7.92 9.34 -8.26
C THR A 146 -8.52 10.44 -7.40
N ARG A 147 -9.75 10.82 -7.67
CA ARG A 147 -10.37 11.87 -6.87
C ARG A 147 -10.82 11.35 -5.51
N SER A 148 -10.92 10.04 -5.37
CA SER A 148 -11.40 9.47 -4.12
C SER A 148 -10.43 8.57 -3.36
N ALA A 149 -9.25 8.32 -3.92
CA ALA A 149 -8.31 7.43 -3.26
C ALA A 149 -6.88 7.53 -3.81
N ILE A 150 -5.93 6.98 -3.06
CA ILE A 150 -4.55 6.93 -3.51
C ILE A 150 -4.25 5.44 -3.63
N ILE A 151 -3.62 5.07 -4.73
CA ILE A 151 -3.32 3.67 -5.02
C ILE A 151 -1.81 3.45 -5.00
N LEU A 152 -1.36 2.51 -4.17
CA LEU A 152 0.06 2.24 -4.04
C LEU A 152 0.39 0.79 -4.35
N HIS A 153 1.24 0.58 -5.35
CA HIS A 153 1.64 -0.76 -5.77
C HIS A 153 3.08 -1.02 -5.33
N LEU A 154 3.25 -1.94 -4.39
CA LEU A 154 4.57 -2.29 -3.89
C LEU A 154 5.24 -3.37 -4.72
N SER A 155 6.57 -3.39 -4.68
CA SER A 155 7.35 -4.37 -5.44
C SER A 155 7.12 -5.82 -5.05
N ASN A 156 6.51 -6.05 -3.88
CA ASN A 156 6.24 -7.43 -3.45
C ASN A 156 4.89 -7.92 -3.96
N GLY A 157 4.26 -7.09 -4.80
CA GLY A 157 2.98 -7.46 -5.39
C GLY A 157 1.76 -6.89 -4.69
N SER A 158 1.94 -6.40 -3.47
CA SER A 158 0.82 -5.85 -2.71
C SER A 158 0.32 -4.56 -3.33
N VAL A 159 -0.99 -4.34 -3.21
CA VAL A 159 -1.61 -3.11 -3.71
C VAL A 159 -2.41 -2.53 -2.55
N GLN A 160 -2.13 -1.28 -2.21
CA GLN A 160 -2.86 -0.63 -1.12
C GLN A 160 -3.68 0.52 -1.69
N ILE A 161 -4.93 0.61 -1.24
CA ILE A 161 -5.83 1.66 -1.67
C ILE A 161 -6.37 2.37 -0.43
N ASN A 162 -6.07 3.67 -0.31
CA ASN A 162 -6.54 4.47 0.83
C ASN A 162 -7.65 5.37 0.31
N PHE A 163 -8.83 5.27 0.90
CA PHE A 163 -9.97 6.10 0.48
C PHE A 163 -9.97 7.40 1.28
N PHE A 164 -9.95 8.52 0.58
CA PHE A 164 -9.88 9.84 1.21
C PHE A 164 -11.01 10.26 2.13
N GLN A 165 -12.24 10.15 1.66
CA GLN A 165 -13.38 10.61 2.44
C GLN A 165 -13.68 9.95 3.77
N ASP A 166 -13.65 8.62 3.82
CA ASP A 166 -13.96 7.94 5.07
C ASP A 166 -12.76 7.29 5.75
N HIS A 167 -11.58 7.48 5.16
CA HIS A 167 -10.34 6.96 5.70
C HIS A 167 -10.22 5.44 5.76
N THR A 168 -11.07 4.73 5.04
CA THR A 168 -10.98 3.28 5.03
C THR A 168 -9.84 2.90 4.10
N LYS A 169 -9.29 1.70 4.30
CA LYS A 169 -8.16 1.27 3.49
C LYS A 169 -8.19 -0.22 3.19
N LEU A 170 -7.62 -0.57 2.03
CA LEU A 170 -7.51 -1.95 1.59
C LEU A 170 -6.04 -2.27 1.30
N ILE A 171 -5.58 -3.41 1.80
CA ILE A 171 -4.22 -3.86 1.52
C ILE A 171 -4.41 -5.23 0.88
N LEU A 172 -4.19 -5.29 -0.43
CA LEU A 172 -4.37 -6.52 -1.20
C LEU A 172 -3.03 -7.25 -1.34
N CYS A 173 -3.01 -8.52 -0.94
CA CYS A 173 -1.80 -9.31 -1.02
C CYS A 173 -2.11 -10.56 -1.84
N PRO A 174 -1.68 -10.56 -3.12
CA PRO A 174 -1.91 -11.65 -4.06
C PRO A 174 -1.25 -12.99 -3.78
N LEU A 175 -0.15 -13.00 -3.03
CA LEU A 175 0.53 -14.25 -2.71
C LEU A 175 -0.33 -15.06 -1.75
N MET A 176 -0.98 -14.35 -0.83
CA MET A 176 -1.85 -14.96 0.17
C MET A 176 -3.29 -14.98 -0.33
N ALA A 177 -3.55 -14.30 -1.44
CA ALA A 177 -4.90 -14.21 -1.99
C ALA A 177 -5.75 -13.68 -0.85
N ALA A 178 -5.24 -12.64 -0.20
CA ALA A 178 -5.92 -12.05 0.94
C ALA A 178 -6.10 -10.55 0.78
N VAL A 179 -6.96 -9.98 1.63
CA VAL A 179 -7.18 -8.56 1.64
C VAL A 179 -7.40 -8.10 3.07
N THR A 180 -6.73 -7.02 3.45
CA THR A 180 -6.90 -6.45 4.77
C THR A 180 -7.72 -5.20 4.61
N TYR A 181 -8.76 -5.08 5.43
CA TYR A 181 -9.62 -3.90 5.38
C TYR A 181 -9.51 -3.17 6.71
N ILE A 182 -9.23 -1.87 6.64
CA ILE A 182 -9.16 -1.06 7.85
C ILE A 182 -10.38 -0.16 7.73
N ASP A 183 -11.34 -0.29 8.65
CA ASP A 183 -12.55 0.51 8.57
C ASP A 183 -12.43 1.88 9.23
N GLU A 184 -13.55 2.61 9.27
CA GLU A 184 -13.55 3.95 9.84
C GLU A 184 -13.12 4.06 11.31
N LYS A 185 -13.42 3.02 12.09
CA LYS A 185 -13.03 3.05 13.50
C LYS A 185 -11.64 2.45 13.71
N ARG A 186 -10.93 2.28 12.60
CA ARG A 186 -9.58 1.72 12.59
C ARG A 186 -9.49 0.25 12.98
N ASP A 187 -10.59 -0.48 12.79
CA ASP A 187 -10.59 -1.92 13.06
C ASP A 187 -9.81 -2.50 11.88
N PHE A 188 -8.82 -3.33 12.18
CA PHE A 188 -7.93 -3.95 11.19
C PHE A 188 -8.28 -5.44 11.08
N ARG A 189 -8.83 -5.84 9.93
CA ARG A 189 -9.22 -7.23 9.71
C ARG A 189 -8.66 -7.78 8.41
N THR A 190 -8.07 -8.97 8.47
CA THR A 190 -7.50 -9.60 7.28
C THR A 190 -8.37 -10.78 6.87
N TYR A 191 -8.74 -10.81 5.59
CA TYR A 191 -9.60 -11.85 5.05
C TYR A 191 -8.97 -12.61 3.90
N ARG A 192 -9.39 -13.87 3.73
CA ARG A 192 -8.94 -14.64 2.59
C ARG A 192 -10.04 -14.33 1.57
N LEU A 193 -9.63 -13.89 0.39
CA LEU A 193 -10.60 -13.55 -0.65
C LEU A 193 -11.51 -14.73 -1.01
N SER A 194 -10.97 -15.94 -0.98
CA SER A 194 -11.78 -17.12 -1.30
C SER A 194 -12.88 -17.33 -0.26
N LEU A 195 -12.61 -16.93 0.98
CA LEU A 195 -13.58 -17.07 2.05
C LEU A 195 -14.62 -15.95 1.99
N LEU A 196 -14.22 -14.78 1.49
CA LEU A 196 -15.18 -13.69 1.34
C LEU A 196 -16.16 -14.11 0.26
N GLU A 197 -15.67 -14.84 -0.74
CA GLU A 197 -16.53 -15.31 -1.80
C GLU A 197 -17.54 -16.31 -1.24
N GLU A 198 -17.08 -17.19 -0.37
CA GLU A 198 -17.97 -18.19 0.21
C GLU A 198 -18.95 -17.67 1.26
N TYR A 199 -18.49 -16.77 2.13
CA TYR A 199 -19.33 -16.28 3.21
C TYR A 199 -19.95 -14.89 3.06
N GLY A 200 -19.49 -14.15 2.06
CA GLY A 200 -20.02 -12.82 1.79
C GLY A 200 -19.43 -11.72 2.66
N CYS A 201 -19.91 -10.50 2.46
CA CYS A 201 -19.44 -9.36 3.25
C CYS A 201 -20.45 -8.23 3.15
N CYS A 202 -20.26 -7.21 3.98
CA CYS A 202 -21.17 -6.06 3.99
C CYS A 202 -21.08 -5.26 2.69
N LYS A 203 -22.11 -4.46 2.44
CA LYS A 203 -22.19 -3.64 1.25
C LYS A 203 -21.00 -2.70 1.09
N GLU A 204 -20.54 -2.14 2.20
CA GLU A 204 -19.41 -1.22 2.17
C GLU A 204 -18.15 -1.89 1.66
N LEU A 205 -17.80 -3.03 2.23
CA LEU A 205 -16.60 -3.73 1.77
C LEU A 205 -16.77 -4.20 0.34
N ALA A 206 -17.97 -4.67 -0.02
CA ALA A 206 -18.21 -5.14 -1.37
C ALA A 206 -17.96 -4.01 -2.36
N SER A 207 -18.37 -2.80 -2.00
CA SER A 207 -18.19 -1.65 -2.85
C SER A 207 -16.71 -1.32 -3.02
N ARG A 208 -15.96 -1.43 -1.93
CA ARG A 208 -14.52 -1.13 -1.97
C ARG A 208 -13.79 -2.15 -2.84
N LEU A 209 -14.25 -3.41 -2.81
CA LEU A 209 -13.63 -4.46 -3.62
C LEU A 209 -13.94 -4.26 -5.11
N ARG A 210 -15.11 -3.71 -5.42
CA ARG A 210 -15.44 -3.46 -6.82
C ARG A 210 -14.51 -2.34 -7.30
N TYR A 211 -14.33 -1.33 -6.45
CA TYR A 211 -13.47 -0.21 -6.78
C TYR A 211 -12.03 -0.73 -6.97
N ALA A 212 -11.63 -1.63 -6.09
CA ALA A 212 -10.29 -2.19 -6.16
C ALA A 212 -10.03 -2.87 -7.51
N ARG A 213 -11.02 -3.59 -8.01
CA ARG A 213 -10.85 -4.27 -9.29
C ARG A 213 -10.54 -3.23 -10.38
N THR A 214 -11.27 -2.12 -10.35
CA THR A 214 -11.07 -1.06 -11.31
C THR A 214 -9.68 -0.44 -11.18
N MET A 215 -9.18 -0.33 -9.95
CA MET A 215 -7.86 0.23 -9.73
C MET A 215 -6.77 -0.72 -10.23
N VAL A 216 -7.02 -2.02 -10.11
CA VAL A 216 -6.05 -2.99 -10.57
C VAL A 216 -6.02 -2.94 -12.10
N ASP A 217 -7.18 -2.75 -12.71
CA ASP A 217 -7.26 -2.64 -14.18
C ASP A 217 -6.38 -1.49 -14.62
N LYS A 218 -6.43 -0.38 -13.87
CA LYS A 218 -5.64 0.79 -14.19
C LYS A 218 -4.15 0.49 -14.08
N LEU A 219 -3.75 -0.22 -13.03
CA LEU A 219 -2.34 -0.57 -12.85
C LEU A 219 -1.85 -1.45 -13.99
N LEU A 220 -2.74 -2.28 -14.52
CA LEU A 220 -2.41 -3.17 -15.63
C LEU A 220 -2.34 -2.42 -16.95
N SER A 221 -3.19 -1.40 -17.08
CA SER A 221 -3.25 -0.60 -18.29
C SER A 221 -2.13 0.44 -18.34
N SER A 222 -1.43 0.60 -17.22
CA SER A 222 -0.32 1.55 -17.14
C SER A 222 1.01 0.87 -17.40
N PRO B 2 -6.43 15.11 -0.54
CA PRO B 2 -5.42 15.59 0.40
C PRO B 2 -4.01 15.49 -0.16
N LEU B 3 -3.10 16.30 0.37
CA LEU B 3 -1.72 16.30 -0.09
C LEU B 3 -0.83 15.41 0.78
N HIS B 4 -1.42 14.84 1.83
CA HIS B 4 -0.70 13.95 2.73
C HIS B 4 -1.72 13.08 3.42
N SER B 5 -1.26 12.00 4.04
CA SER B 5 -2.16 11.09 4.74
C SER B 5 -2.69 11.72 6.02
N MET B 7 -3.98 13.35 9.35
CA MET B 7 -3.62 13.92 10.64
C MET B 7 -4.73 13.73 11.67
#